data_9C3F
#
_entry.id   9C3F
#
_cell.length_a   1.00
_cell.length_b   1.00
_cell.length_c   1.00
_cell.angle_alpha   90.00
_cell.angle_beta   90.00
_cell.angle_gamma   90.00
#
_symmetry.space_group_name_H-M   'P 1'
#
loop_
_entity.id
_entity.type
_entity.pdbx_description
1 polymer 'Anhydromuropeptide permease,Soluble cytochrome b562'
2 non-polymer DODECYL-BETA-D-MALTOSIDE
3 non-polymer 1,2-dioleoyl-sn-glycero-3-phosphoethanolamine
#
_entity_poly.entity_id   1
_entity_poly.type   'polypeptide(L)'
_entity_poly.pdbx_seq_one_letter_code
;GSHMSSQYLRIFQQPRSAILLILGFASGLPLALTSGTLQAWMTVENIDLKTIGFFSLVGQAYVFKFLWSPLMDRYTPPFF
GRRRGWLLATQILLLVAIAAMGFLEPGTQLRWMAALAVVIAFCSASQDIVFDAWKTDVLPAEERGAGAAISVLGYRLGML
VSGGLALWLADKWLGWQGMYWLMAALLIPCIIATLLAPEPTDTIPVPKTLEQAVVAPLRDFFGRNNAWLILLLIVLYKLG
DAFAMSLTTTFLIRGVGFDAGEVGVVNKTLGLLATIVGALYGGILMQRLSLFRALLIFGILQGASNAGYWLLSITDKHLY
SMGAAVFFENLCGGMGTSAFVALLMTLCNKSFSATQFALLSALSAVGRVYVGPVAGWFVEAHGWSTFYLFSVAAAVPGLI
LLLVCRQTLEYTRVNDNFISRTAYPAGYAFAMWTLAAGVSLLAVWLLLLTMDALDLTHFSFLPALLEVGVLVALSGVVLG
GLLDYLALRKTHLTADLEDNWETLNDNLKVIEKADNAAQVKDALTKMRAAALDAQKATPPKLEDKSPDSPEMKDFRHGFD
ILVGQIDDALKLANEGKVKEAQAAAEQLKTTRNAYIQKYL
;
_entity_poly.pdbx_strand_id   A
#
# COMPACT_ATOMS: atom_id res chain seq x y z
N SER A 6 -14.27 22.56 17.34
CA SER A 6 -13.83 22.28 18.70
C SER A 6 -13.61 20.80 18.91
N GLN A 7 -14.70 20.05 19.10
CA GLN A 7 -14.59 18.61 19.27
C GLN A 7 -14.05 17.93 18.02
N TYR A 8 -14.36 18.48 16.84
CA TYR A 8 -13.77 17.96 15.62
C TYR A 8 -12.35 18.47 15.43
N LEU A 9 -12.00 19.58 16.11
CA LEU A 9 -10.71 20.21 15.87
C LEU A 9 -9.63 19.66 16.79
N ARG A 10 -10.02 19.07 17.93
CA ARG A 10 -9.08 18.80 19.01
C ARG A 10 -7.91 17.92 18.58
N ILE A 11 -8.09 17.10 17.54
CA ILE A 11 -7.11 16.04 17.27
C ILE A 11 -5.77 16.62 16.85
N PHE A 12 -5.76 17.82 16.26
CA PHE A 12 -4.53 18.33 15.65
C PHE A 12 -3.57 18.87 16.71
N GLN A 13 -4.09 19.41 17.82
CA GLN A 13 -3.22 20.05 18.80
C GLN A 13 -2.45 19.04 19.63
N GLN A 14 -2.97 17.81 19.74
CA GLN A 14 -2.35 16.82 20.61
C GLN A 14 -0.97 16.44 20.08
N PRO A 15 0.02 16.33 20.97
CA PRO A 15 1.42 16.18 20.50
C PRO A 15 1.69 14.96 19.65
N ARG A 16 0.98 13.84 19.87
CA ARG A 16 1.30 12.63 19.12
C ARG A 16 1.09 12.81 17.62
N SER A 17 0.26 13.78 17.25
CA SER A 17 0.03 14.05 15.83
C SER A 17 1.31 14.48 15.13
N ALA A 18 2.10 15.33 15.78
CA ALA A 18 3.36 15.78 15.18
C ALA A 18 4.34 14.62 15.03
N ILE A 19 4.40 13.73 16.02
CA ILE A 19 5.27 12.57 15.94
C ILE A 19 4.86 11.69 14.76
N LEU A 20 3.55 11.50 14.58
CA LEU A 20 3.08 10.68 13.46
C LEU A 20 3.52 11.28 12.13
N LEU A 21 3.39 12.61 11.97
CA LEU A 21 3.78 13.24 10.72
C LEU A 21 5.28 13.12 10.47
N ILE A 22 6.09 13.31 11.52
CA ILE A 22 7.54 13.22 11.33
C ILE A 22 7.93 11.81 10.93
N LEU A 23 7.37 10.80 11.58
CA LEU A 23 7.70 9.42 11.22
C LEU A 23 7.17 9.08 9.83
N GLY A 24 6.08 9.72 9.41
CA GLY A 24 5.64 9.55 8.04
C GLY A 24 6.60 10.13 7.02
N PHE A 25 7.16 11.31 7.27
CA PHE A 25 8.05 11.93 6.25
C PHE A 25 9.23 11.05 6.17
N ALA A 26 9.70 10.39 7.29
CA ALA A 26 10.92 9.57 7.12
C ALA A 26 10.68 8.41 6.16
N SER A 27 9.47 7.91 5.99
CA SER A 27 9.30 6.85 4.95
C SER A 27 9.57 7.34 3.52
N GLY A 28 9.17 8.54 3.12
CA GLY A 28 9.43 9.15 1.79
C GLY A 28 10.86 9.46 1.44
N LEU A 29 11.64 9.97 2.35
CA LEU A 29 12.99 10.40 1.96
C LEU A 29 13.69 9.18 1.41
N PRO A 30 13.63 7.94 1.88
CA PRO A 30 14.26 6.80 1.20
C PRO A 30 13.72 6.47 -0.18
N LEU A 31 12.41 6.58 -0.51
CA LEU A 31 11.81 6.08 -1.78
C LEU A 31 12.40 6.75 -3.01
N ALA A 32 12.65 8.03 -2.99
CA ALA A 32 13.21 8.60 -4.24
C ALA A 32 14.73 8.73 -4.30
N LEU A 33 15.55 8.38 -3.32
CA LEU A 33 17.01 8.54 -3.50
C LEU A 33 17.56 7.23 -4.02
N THR A 34 16.77 6.17 -4.26
CA THR A 34 17.29 4.94 -4.92
C THR A 34 16.93 4.75 -6.38
N SER A 35 15.70 5.02 -6.82
CA SER A 35 15.30 4.93 -8.27
C SER A 35 15.30 6.22 -9.10
N GLY A 36 14.80 7.34 -8.58
CA GLY A 36 14.66 8.55 -9.43
C GLY A 36 15.68 9.66 -9.34
N THR A 37 16.04 10.19 -8.19
CA THR A 37 17.05 11.24 -8.28
C THR A 37 18.29 10.58 -8.80
N LEU A 38 18.60 9.36 -8.37
CA LEU A 38 19.87 8.71 -8.78
C LEU A 38 19.95 8.82 -10.31
N GLN A 39 19.09 8.16 -11.09
CA GLN A 39 19.26 8.19 -12.54
C GLN A 39 19.60 9.59 -13.03
N ALA A 40 18.99 10.62 -12.43
CA ALA A 40 19.30 11.99 -12.81
C ALA A 40 20.76 12.31 -12.51
N TRP A 41 21.28 11.82 -11.38
CA TRP A 41 22.70 12.00 -11.10
C TRP A 41 23.56 11.24 -12.11
N MET A 42 23.21 9.98 -12.38
CA MET A 42 24.05 9.14 -13.23
C MET A 42 23.95 9.48 -14.71
N THR A 43 23.01 10.34 -15.10
CA THR A 43 22.92 10.71 -16.51
C THR A 43 24.19 11.40 -16.99
N VAL A 44 25.01 11.91 -16.07
CA VAL A 44 26.34 12.38 -16.44
C VAL A 44 27.18 11.21 -16.93
N GLU A 45 27.08 10.06 -16.26
CA GLU A 45 27.87 8.89 -16.60
C GLU A 45 27.16 7.94 -17.55
N ASN A 46 25.96 8.30 -18.04
CA ASN A 46 25.29 7.53 -19.09
C ASN A 46 25.00 6.10 -18.64
N ILE A 47 24.09 5.94 -17.68
CA ILE A 47 23.68 4.64 -17.16
C ILE A 47 23.47 3.66 -18.31
N ASP A 48 24.12 2.50 -18.23
CA ASP A 48 24.08 1.50 -19.28
C ASP A 48 23.13 0.37 -18.90
N LEU A 49 23.13 -0.68 -19.72
CA LEU A 49 22.35 -1.89 -19.47
C LEU A 49 23.14 -2.95 -18.70
N LYS A 50 24.42 -2.69 -18.40
CA LYS A 50 25.25 -3.67 -17.73
C LYS A 50 24.83 -3.91 -16.30
N THR A 51 24.45 -2.86 -15.58
CA THR A 51 24.15 -2.98 -14.16
C THR A 51 22.69 -3.24 -13.87
N ILE A 52 21.84 -3.29 -14.90
CA ILE A 52 20.41 -3.47 -14.66
C ILE A 52 20.14 -4.84 -14.02
N GLY A 53 21.01 -5.81 -14.24
CA GLY A 53 20.84 -7.10 -13.58
C GLY A 53 20.84 -6.99 -12.07
N PHE A 54 21.81 -6.25 -11.52
CA PHE A 54 21.79 -5.95 -10.09
C PHE A 54 20.65 -5.01 -9.75
N PHE A 55 20.40 -4.02 -10.62
CA PHE A 55 19.50 -2.93 -10.26
C PHE A 55 18.04 -3.36 -10.29
N SER A 56 17.74 -4.55 -10.81
CA SER A 56 16.34 -4.97 -10.86
C SER A 56 15.80 -5.31 -9.48
N LEU A 57 16.66 -5.39 -8.48
CA LEU A 57 16.13 -5.78 -7.16
C LEU A 57 15.62 -4.54 -6.40
N VAL A 58 16.19 -3.34 -6.58
CA VAL A 58 15.79 -2.20 -5.71
C VAL A 58 14.32 -1.91 -5.87
N GLY A 59 13.81 -1.91 -7.06
CA GLY A 59 12.36 -1.77 -7.22
C GLY A 59 11.65 -2.95 -6.62
N GLN A 60 12.27 -4.11 -6.65
CA GLN A 60 11.50 -5.31 -6.24
C GLN A 60 11.43 -5.47 -4.71
N ALA A 61 12.30 -4.83 -3.92
CA ALA A 61 12.22 -5.09 -2.47
C ALA A 61 10.87 -4.61 -1.97
N TYR A 62 10.38 -3.49 -2.45
CA TYR A 62 9.12 -2.95 -1.87
C TYR A 62 7.94 -3.94 -2.11
N VAL A 63 7.80 -4.57 -3.28
CA VAL A 63 6.69 -5.53 -3.60
C VAL A 63 6.72 -6.81 -2.76
N PHE A 64 7.88 -7.38 -2.46
CA PHE A 64 8.03 -8.70 -1.80
C PHE A 64 8.37 -8.57 -0.28
N LYS A 65 8.05 -7.46 0.38
CA LYS A 65 8.40 -7.22 1.81
C LYS A 65 7.74 -8.29 2.70
N PHE A 66 6.57 -8.82 2.37
CA PHE A 66 5.85 -9.73 3.30
C PHE A 66 6.69 -10.93 3.63
N LEU A 67 7.47 -11.48 2.69
CA LEU A 67 8.20 -12.75 2.96
C LEU A 67 9.15 -12.58 4.15
N TRP A 68 9.85 -11.45 4.31
CA TRP A 68 10.82 -11.35 5.44
C TRP A 68 10.15 -10.72 6.65
N SER A 69 8.85 -10.44 6.57
CA SER A 69 8.11 -9.79 7.68
C SER A 69 8.06 -10.61 8.97
N PRO A 70 7.86 -11.94 8.99
CA PRO A 70 7.66 -12.67 10.22
C PRO A 70 8.85 -12.43 11.07
N LEU A 71 10.05 -12.26 10.53
CA LEU A 71 11.24 -12.11 11.40
C LEU A 71 10.99 -10.90 12.30
N MET A 72 10.34 -9.84 11.83
CA MET A 72 10.22 -8.65 12.71
C MET A 72 9.47 -8.95 14.01
N ASP A 73 8.34 -9.67 14.02
CA ASP A 73 7.65 -9.85 15.32
C ASP A 73 8.42 -10.64 16.35
N ARG A 74 9.02 -11.76 15.99
CA ARG A 74 9.66 -12.51 17.07
C ARG A 74 10.84 -11.80 17.67
N TYR A 75 11.67 -11.26 16.81
CA TYR A 75 12.93 -10.71 17.35
C TYR A 75 12.69 -9.39 18.02
N THR A 76 13.51 -9.03 19.01
CA THR A 76 13.38 -7.72 19.63
C THR A 76 14.75 -7.13 19.78
N PRO A 77 14.93 -5.81 19.74
CA PRO A 77 16.22 -5.17 20.00
C PRO A 77 16.56 -5.25 21.49
N PRO A 78 17.82 -5.05 21.93
CA PRO A 78 18.20 -5.32 23.30
C PRO A 78 17.42 -4.51 24.27
N PHE A 79 17.14 -3.26 23.95
CA PHE A 79 16.27 -2.42 24.82
C PHE A 79 15.23 -1.79 23.92
N PHE A 80 14.14 -1.26 24.46
CA PHE A 80 13.08 -0.52 23.72
C PHE A 80 11.84 -1.35 23.24
N GLY A 81 11.73 -2.66 23.39
CA GLY A 81 10.47 -3.35 23.05
C GLY A 81 10.39 -3.69 21.59
N ARG A 82 9.41 -4.49 21.16
CA ARG A 82 9.38 -4.96 19.75
C ARG A 82 9.20 -3.83 18.74
N ARG A 83 8.38 -2.81 18.98
CA ARG A 83 8.15 -1.79 17.92
C ARG A 83 8.88 -0.45 18.08
N ARG A 84 9.65 -0.20 19.13
CA ARG A 84 10.42 1.06 19.16
C ARG A 84 11.90 0.75 19.10
N GLY A 85 12.29 -0.50 18.92
CA GLY A 85 13.72 -0.79 18.74
C GLY A 85 14.06 -0.94 17.27
N TRP A 86 13.17 -1.59 16.52
CA TRP A 86 13.39 -1.72 15.06
C TRP A 86 13.36 -0.35 14.40
N LEU A 87 12.46 0.54 14.80
CA LEU A 87 12.56 1.88 14.17
C LEU A 87 13.95 2.47 14.53
N LEU A 88 14.50 2.37 15.74
CA LEU A 88 15.87 2.95 15.96
C LEU A 88 16.89 2.19 15.09
N ALA A 89 16.83 0.87 14.95
CA ALA A 89 17.74 0.15 14.01
C ALA A 89 17.53 0.43 12.51
N THR A 90 16.32 0.56 11.97
CA THR A 90 16.21 0.82 10.53
C THR A 90 16.28 2.29 10.22
N GLN A 91 16.29 3.21 11.18
CA GLN A 91 16.52 4.63 10.84
C GLN A 91 17.94 5.02 11.20
N ILE A 92 18.78 4.12 11.69
CA ILE A 92 20.21 4.49 11.85
C ILE A 92 20.98 3.92 10.64
N LEU A 93 20.62 2.74 10.10
CA LEU A 93 21.26 2.21 8.86
C LEU A 93 21.00 3.10 7.61
N LEU A 94 19.79 3.64 7.39
CA LEU A 94 19.58 4.42 6.16
C LEU A 94 20.59 5.55 6.33
N LEU A 95 20.71 6.14 7.50
CA LEU A 95 21.62 7.31 7.62
C LEU A 95 23.07 6.88 7.36
N VAL A 96 23.53 5.75 7.84
CA VAL A 96 24.96 5.48 7.53
C VAL A 96 25.15 5.28 6.00
N ALA A 97 24.29 4.52 5.31
CA ALA A 97 24.38 4.37 3.82
C ALA A 97 24.04 5.59 2.92
N ILE A 98 22.97 6.35 3.17
CA ILE A 98 22.58 7.39 2.19
C ILE A 98 23.71 8.39 2.16
N ALA A 99 24.24 8.80 3.29
CA ALA A 99 25.37 9.75 3.18
C ALA A 99 26.58 9.11 2.52
N ALA A 100 26.86 7.88 2.91
CA ALA A 100 28.13 7.33 2.39
C ALA A 100 27.98 7.27 0.89
N MET A 101 26.91 6.65 0.44
CA MET A 101 26.75 6.50 -1.00
C MET A 101 27.33 7.69 -1.74
N GLY A 102 27.14 8.89 -1.21
CA GLY A 102 27.70 10.08 -1.84
C GLY A 102 29.21 10.14 -1.86
N PHE A 103 29.87 9.44 -0.93
CA PHE A 103 31.34 9.39 -0.95
C PHE A 103 31.87 8.72 -2.22
N LEU A 104 31.13 7.77 -2.78
CA LEU A 104 31.59 7.03 -3.95
C LEU A 104 31.63 7.94 -5.17
N GLU A 105 32.36 7.48 -6.19
CA GLU A 105 32.48 8.19 -7.45
C GLU A 105 31.85 7.36 -8.56
N PRO A 106 30.95 7.94 -9.36
CA PRO A 106 30.28 7.16 -10.41
C PRO A 106 31.17 6.80 -11.59
N GLY A 107 32.47 7.07 -11.51
CA GLY A 107 33.37 6.75 -12.60
C GLY A 107 33.65 5.27 -12.75
N THR A 108 34.17 4.64 -11.68
CA THR A 108 34.55 3.23 -11.71
C THR A 108 33.88 2.38 -10.65
N GLN A 109 32.97 2.93 -9.84
CA GLN A 109 32.37 2.21 -8.73
C GLN A 109 30.86 2.06 -8.91
N LEU A 110 30.43 1.87 -10.15
CA LEU A 110 29.00 1.80 -10.44
C LEU A 110 28.37 0.56 -9.82
N ARG A 111 29.08 -0.58 -9.84
CA ARG A 111 28.53 -1.78 -9.23
C ARG A 111 28.34 -1.59 -7.73
N TRP A 112 29.32 -0.98 -7.07
CA TRP A 112 29.19 -0.72 -5.64
C TRP A 112 28.03 0.23 -5.37
N MET A 113 27.85 1.24 -6.23
CA MET A 113 26.73 2.15 -6.07
C MET A 113 25.39 1.42 -6.20
N ALA A 114 25.30 0.51 -7.18
CA ALA A 114 24.07 -0.25 -7.34
C ALA A 114 23.80 -1.13 -6.14
N ALA A 115 24.83 -1.80 -5.61
CA ALA A 115 24.66 -2.64 -4.44
C ALA A 115 24.22 -1.82 -3.23
N LEU A 116 24.81 -0.64 -3.05
CA LEU A 116 24.37 0.24 -1.96
C LEU A 116 22.92 0.68 -2.14
N ALA A 117 22.49 0.96 -3.37
CA ALA A 117 21.08 1.27 -3.61
C ALA A 117 20.17 0.10 -3.22
N VAL A 118 20.58 -1.12 -3.57
CA VAL A 118 19.79 -2.30 -3.20
C VAL A 118 19.67 -2.42 -1.68
N VAL A 119 20.78 -2.24 -0.97
CA VAL A 119 20.76 -2.34 0.48
C VAL A 119 19.88 -1.25 1.08
N ILE A 120 19.95 -0.03 0.53
CA ILE A 120 19.12 1.07 1.04
C ILE A 120 17.63 0.74 0.86
N ALA A 121 17.27 0.21 -0.31
CA ALA A 121 15.87 -0.16 -0.53
C ALA A 121 15.43 -1.24 0.45
N PHE A 122 16.28 -2.24 0.69
CA PHE A 122 15.91 -3.30 1.62
C PHE A 122 15.71 -2.75 3.03
N CYS A 123 16.57 -1.82 3.46
CA CYS A 123 16.41 -1.20 4.77
C CYS A 123 15.12 -0.40 4.85
N SER A 124 14.81 0.35 3.80
CA SER A 124 13.60 1.19 3.81
C SER A 124 12.34 0.33 3.90
N ALA A 125 12.35 -0.85 3.26
CA ALA A 125 11.19 -1.73 3.37
C ALA A 125 10.95 -2.14 4.82
N SER A 126 12.01 -2.52 5.54
CA SER A 126 11.86 -2.91 6.94
C SER A 126 11.39 -1.74 7.79
N GLN A 127 11.93 -0.55 7.56
CA GLN A 127 11.45 0.60 8.33
C GLN A 127 9.97 0.83 8.08
N ASP A 128 9.53 0.71 6.83
CA ASP A 128 8.12 0.91 6.52
C ASP A 128 7.24 -0.09 7.24
N ILE A 129 7.65 -1.37 7.26
CA ILE A 129 6.79 -2.38 7.87
C ILE A 129 6.73 -2.19 9.38
N VAL A 130 7.87 -1.87 10.02
CA VAL A 130 7.85 -1.67 11.47
C VAL A 130 7.04 -0.42 11.82
N PHE A 131 7.11 0.62 10.98
CA PHE A 131 6.32 1.81 11.23
C PHE A 131 4.83 1.53 11.09
N ASP A 132 4.43 0.72 10.11
CA ASP A 132 3.03 0.34 10.02
C ASP A 132 2.57 -0.44 11.26
N ALA A 133 3.41 -1.35 11.75
CA ALA A 133 3.08 -2.07 12.97
C ALA A 133 2.94 -1.13 14.16
N TRP A 134 3.83 -0.14 14.26
CA TRP A 134 3.74 0.82 15.35
C TRP A 134 2.48 1.65 15.25
N LYS A 135 2.05 1.98 14.03
CA LYS A 135 0.80 2.69 13.87
C LYS A 135 -0.38 1.85 14.32
N THR A 136 -0.38 0.55 13.98
CA THR A 136 -1.54 -0.27 14.27
C THR A 136 -1.61 -0.66 15.75
N ASP A 137 -0.46 -0.70 16.43
CA ASP A 137 -0.47 -1.15 17.83
C ASP A 137 -1.03 -0.08 18.77
N VAL A 138 -0.65 1.18 18.56
CA VAL A 138 -0.85 2.19 19.60
C VAL A 138 -2.16 2.93 19.41
N LEU A 139 -2.51 3.23 18.17
CA LEU A 139 -3.61 4.16 17.90
C LEU A 139 -4.92 3.63 18.47
N PRO A 140 -5.71 4.47 19.15
CA PRO A 140 -6.97 4.00 19.74
C PRO A 140 -8.06 3.78 18.72
N ALA A 141 -9.28 3.50 19.19
CA ALA A 141 -10.38 3.06 18.36
C ALA A 141 -11.04 4.20 17.56
N GLU A 142 -10.96 5.44 18.04
CA GLU A 142 -11.76 6.50 17.44
C GLU A 142 -10.97 7.31 16.42
N GLU A 143 -9.65 7.36 16.56
CA GLU A 143 -8.83 8.30 15.81
C GLU A 143 -8.05 7.67 14.67
N ARG A 144 -8.36 6.42 14.29
CA ARG A 144 -7.51 5.72 13.34
C ARG A 144 -7.50 6.39 11.97
N GLY A 145 -8.66 6.87 11.51
CA GLY A 145 -8.72 7.49 10.20
C GLY A 145 -7.88 8.76 10.12
N ALA A 146 -7.98 9.62 11.13
CA ALA A 146 -7.19 10.85 11.12
C ALA A 146 -5.70 10.55 11.21
N GLY A 147 -5.33 9.53 11.98
CA GLY A 147 -3.94 9.11 12.02
C GLY A 147 -3.44 8.67 10.65
N ALA A 148 -4.25 7.88 9.93
CA ALA A 148 -3.86 7.46 8.59
C ALA A 148 -3.73 8.66 7.66
N ALA A 149 -4.65 9.63 7.77
CA ALA A 149 -4.59 10.81 6.93
C ALA A 149 -3.33 11.63 7.20
N ILE A 150 -2.97 11.81 8.47
CA ILE A 150 -1.77 12.58 8.80
C ILE A 150 -0.53 11.85 8.33
N SER A 151 -0.51 10.52 8.44
CA SER A 151 0.61 9.75 7.93
C SER A 151 0.75 9.91 6.41
N VAL A 152 -0.38 9.91 5.70
CA VAL A 152 -0.33 10.09 4.25
C VAL A 152 0.18 11.49 3.90
N LEU A 153 -0.27 12.50 4.64
CA LEU A 153 0.23 13.85 4.38
C LEU A 153 1.74 13.94 4.60
N GLY A 154 2.23 13.31 5.67
CA GLY A 154 3.67 13.28 5.88
C GLY A 154 4.41 12.55 4.78
N TYR A 155 3.82 11.45 4.30
CA TYR A 155 4.42 10.70 3.21
C TYR A 155 4.56 11.55 1.95
N ARG A 156 3.50 12.28 1.59
CA ARG A 156 3.55 13.11 0.39
C ARG A 156 4.52 14.27 0.56
N LEU A 157 4.49 14.93 1.73
CA LEU A 157 5.45 16.00 1.98
C LEU A 157 6.88 15.51 2.01
N GLY A 158 7.11 14.25 2.31
CA GLY A 158 8.44 13.68 2.24
C GLY A 158 8.87 13.39 0.82
N MET A 159 7.97 12.80 0.03
CA MET A 159 8.31 12.49 -1.36
C MET A 159 8.60 13.77 -2.15
N LEU A 160 7.81 14.81 -1.93
CA LEU A 160 8.02 16.07 -2.65
C LEU A 160 9.38 16.67 -2.33
N VAL A 161 9.77 16.69 -1.05
CA VAL A 161 11.07 17.24 -0.67
C VAL A 161 12.19 16.35 -1.20
N SER A 162 11.99 15.04 -1.19
CA SER A 162 13.03 14.13 -1.69
C SER A 162 13.28 14.30 -3.17
N GLY A 163 12.23 14.59 -3.96
CA GLY A 163 12.47 14.75 -5.38
C GLY A 163 12.71 16.17 -5.87
N GLY A 164 11.73 17.06 -5.65
CA GLY A 164 11.74 18.35 -6.33
C GLY A 164 12.76 19.33 -5.82
N LEU A 165 12.64 19.69 -4.53
CA LEU A 165 13.61 20.60 -3.94
C LEU A 165 15.01 20.02 -3.99
N ALA A 166 15.15 18.69 -3.90
CA ALA A 166 16.46 18.07 -4.02
C ALA A 166 17.07 18.32 -5.39
N LEU A 167 16.29 18.06 -6.46
CA LEU A 167 16.81 18.33 -7.80
C LEU A 167 17.17 19.79 -7.97
N TRP A 168 16.29 20.69 -7.51
CA TRP A 168 16.54 22.12 -7.69
C TRP A 168 17.79 22.56 -6.96
N LEU A 169 17.95 22.15 -5.70
CA LEU A 169 19.15 22.51 -4.95
C LEU A 169 20.39 21.95 -5.61
N ALA A 170 20.34 20.68 -6.01
CA ALA A 170 21.52 20.02 -6.57
C ALA A 170 21.98 20.71 -7.85
N ASP A 171 21.05 21.06 -8.74
CA ASP A 171 21.46 21.65 -10.01
C ASP A 171 21.54 23.17 -9.97
N LYS A 172 21.20 23.81 -8.85
CA LYS A 172 21.35 25.25 -8.75
C LYS A 172 22.53 25.67 -7.88
N TRP A 173 22.58 25.21 -6.63
CA TRP A 173 23.54 25.75 -5.67
C TRP A 173 24.47 24.68 -5.12
N LEU A 174 23.94 23.54 -4.72
CA LEU A 174 24.65 22.74 -3.73
C LEU A 174 25.55 21.70 -4.39
N GLY A 175 25.10 21.06 -5.47
CA GLY A 175 25.82 19.96 -6.08
C GLY A 175 25.26 18.61 -5.67
N TRP A 176 25.59 17.59 -6.49
CA TRP A 176 24.98 16.27 -6.30
C TRP A 176 25.45 15.60 -5.01
N GLN A 177 26.76 15.59 -4.76
CA GLN A 177 27.27 14.95 -3.54
C GLN A 177 26.72 15.60 -2.29
N GLY A 178 26.65 16.93 -2.28
CA GLY A 178 26.08 17.59 -1.14
C GLY A 178 24.58 17.41 -1.02
N MET A 179 23.87 17.26 -2.15
CA MET A 179 22.45 16.95 -2.07
C MET A 179 22.25 15.60 -1.39
N TYR A 180 23.08 14.63 -1.73
CA TYR A 180 23.04 13.35 -1.03
C TYR A 180 23.38 13.52 0.45
N TRP A 181 24.39 14.34 0.76
CA TRP A 181 24.74 14.57 2.16
C TRP A 181 23.57 15.19 2.93
N LEU A 182 22.87 16.16 2.33
CA LEU A 182 21.75 16.79 2.99
C LEU A 182 20.59 15.83 3.17
N MET A 183 20.31 15.00 2.15
CA MET A 183 19.27 14.00 2.29
C MET A 183 19.63 12.95 3.34
N ALA A 184 20.92 12.72 3.57
CA ALA A 184 21.32 11.90 4.71
C ALA A 184 21.07 12.62 6.02
N ALA A 185 21.50 13.87 6.13
CA ALA A 185 21.47 14.60 7.40
C ALA A 185 20.07 15.01 7.81
N LEU A 186 19.10 15.01 6.90
CA LEU A 186 17.74 15.36 7.28
C LEU A 186 17.02 14.27 8.06
N LEU A 187 17.69 13.15 8.36
CA LEU A 187 17.07 12.04 9.07
C LEU A 187 17.20 12.14 10.58
N ILE A 188 17.98 13.09 11.09
CA ILE A 188 18.21 13.24 12.53
C ILE A 188 16.90 13.55 13.26
N PRO A 189 16.09 14.51 12.80
CA PRO A 189 14.79 14.71 13.46
C PRO A 189 13.91 13.47 13.45
N CYS A 190 14.02 12.63 12.42
CA CYS A 190 13.22 11.41 12.38
C CYS A 190 13.61 10.46 13.51
N ILE A 191 14.91 10.26 13.74
CA ILE A 191 15.30 9.40 14.84
C ILE A 191 15.02 10.05 16.20
N ILE A 192 15.06 11.38 16.29
CA ILE A 192 14.63 12.03 17.52
C ILE A 192 13.15 11.73 17.80
N ALA A 193 12.31 11.84 16.77
CA ALA A 193 10.89 11.53 16.93
C ALA A 193 10.67 10.07 17.29
N THR A 194 11.43 9.16 16.69
CA THR A 194 11.33 7.75 17.08
C THR A 194 11.70 7.57 18.55
N LEU A 195 12.75 8.24 19.01
CA LEU A 195 13.17 8.12 20.39
C LEU A 195 12.16 8.69 21.37
N LEU A 196 11.41 9.72 20.99
CA LEU A 196 10.49 10.38 21.90
C LEU A 196 9.04 9.90 21.74
N ALA A 197 8.79 8.86 20.94
CA ALA A 197 7.44 8.40 20.69
C ALA A 197 6.99 7.39 21.74
N PRO A 198 5.68 7.22 21.93
CA PRO A 198 5.20 6.19 22.87
C PRO A 198 5.39 4.78 22.33
N GLU A 199 5.04 3.78 23.13
CA GLU A 199 5.31 2.38 22.84
C GLU A 199 4.09 1.53 23.12
N PRO A 200 3.99 0.35 22.50
CA PRO A 200 2.93 -0.59 22.87
C PRO A 200 3.17 -1.16 24.26
N THR A 201 2.09 -1.62 24.89
CA THR A 201 2.16 -2.13 26.25
C THR A 201 2.92 -3.46 26.28
N ASP A 202 3.32 -3.86 27.49
CA ASP A 202 4.05 -5.09 27.71
C ASP A 202 3.16 -6.27 28.09
N THR A 203 1.84 -6.05 28.16
CA THR A 203 0.93 -7.12 28.56
C THR A 203 0.77 -8.18 27.45
N ILE A 204 0.75 -7.73 26.20
CA ILE A 204 0.46 -8.63 25.08
C ILE A 204 1.57 -9.67 24.96
N PRO A 205 1.23 -10.95 24.82
CA PRO A 205 2.26 -11.98 24.69
C PRO A 205 2.94 -11.93 23.32
N VAL A 206 4.09 -12.57 23.25
CA VAL A 206 4.89 -12.62 22.02
C VAL A 206 5.18 -14.08 21.67
N PRO A 207 5.29 -14.43 20.39
CA PRO A 207 5.52 -15.83 20.03
C PRO A 207 6.88 -16.32 20.53
N LYS A 208 6.92 -17.61 20.88
CA LYS A 208 8.10 -18.20 21.51
C LYS A 208 9.06 -18.85 20.52
N THR A 209 8.61 -19.19 19.31
CA THR A 209 9.48 -19.79 18.32
C THR A 209 9.31 -19.08 16.98
N LEU A 210 10.39 -19.03 16.19
CA LEU A 210 10.32 -18.38 14.90
C LEU A 210 9.32 -19.07 13.99
N GLU A 211 9.31 -20.41 13.99
CA GLU A 211 8.30 -21.12 13.22
C GLU A 211 6.92 -20.83 13.76
N GLN A 212 6.79 -20.67 15.08
CA GLN A 212 5.53 -20.22 15.65
C GLN A 212 5.18 -18.83 15.13
N ALA A 213 6.17 -17.94 15.04
CA ALA A 213 5.91 -16.61 14.50
C ALA A 213 5.42 -16.68 13.05
N VAL A 214 5.91 -17.67 12.30
CA VAL A 214 5.47 -17.83 10.91
C VAL A 214 4.04 -18.35 10.86
N VAL A 215 3.71 -19.35 11.68
CA VAL A 215 2.49 -20.13 11.49
C VAL A 215 1.31 -19.57 12.27
N ALA A 216 1.56 -18.88 13.38
CA ALA A 216 0.48 -18.44 14.26
C ALA A 216 -0.48 -17.44 13.63
N PRO A 217 0.00 -16.37 12.97
CA PRO A 217 -0.95 -15.38 12.42
C PRO A 217 -1.93 -15.97 11.41
N LEU A 218 -1.49 -16.91 10.56
CA LEU A 218 -2.40 -17.52 9.60
C LEU A 218 -3.48 -18.32 10.30
N ARG A 219 -3.10 -19.16 11.27
CA ARG A 219 -4.09 -19.93 12.01
C ARG A 219 -5.02 -19.04 12.81
N ASP A 220 -4.53 -17.88 13.25
CA ASP A 220 -5.39 -16.97 14.01
C ASP A 220 -6.39 -16.27 13.10
N PHE A 221 -5.95 -15.87 11.89
CA PHE A 221 -6.86 -15.15 11.01
C PHE A 221 -7.86 -16.08 10.33
N PHE A 222 -7.45 -17.30 9.99
CA PHE A 222 -8.36 -18.20 9.29
C PHE A 222 -9.31 -18.92 10.23
N GLY A 223 -9.12 -18.81 11.54
CA GLY A 223 -10.02 -19.44 12.49
C GLY A 223 -11.06 -18.48 13.02
N ARG A 224 -11.53 -17.58 12.15
CA ARG A 224 -12.54 -16.60 12.50
C ARG A 224 -13.90 -17.05 11.97
N ASN A 225 -14.95 -16.41 12.48
CA ASN A 225 -16.30 -16.73 12.01
C ASN A 225 -16.46 -16.35 10.54
N ASN A 226 -16.09 -15.13 10.19
CA ASN A 226 -16.17 -14.64 8.81
C ASN A 226 -14.76 -14.26 8.37
N ALA A 227 -14.15 -15.09 7.55
CA ALA A 227 -12.81 -14.83 7.04
C ALA A 227 -12.76 -14.73 5.52
N TRP A 228 -13.35 -15.68 4.80
CA TRP A 228 -13.29 -15.66 3.35
C TRP A 228 -14.08 -14.49 2.78
N LEU A 229 -15.23 -14.17 3.38
CA LEU A 229 -15.99 -13.02 2.92
C LEU A 229 -15.21 -11.71 3.09
N ILE A 230 -14.52 -11.58 4.23
CA ILE A 230 -13.70 -10.39 4.45
C ILE A 230 -12.54 -10.34 3.47
N LEU A 231 -11.97 -11.51 3.16
CA LEU A 231 -10.92 -11.57 2.14
C LEU A 231 -11.43 -11.07 0.79
N LEU A 232 -12.62 -11.53 0.39
CA LEU A 232 -13.20 -11.11 -0.88
C LEU A 232 -13.48 -9.61 -0.88
N LEU A 233 -13.99 -9.07 0.23
CA LEU A 233 -14.24 -7.63 0.30
C LEU A 233 -12.94 -6.84 0.19
N ILE A 234 -11.89 -7.30 0.86
CA ILE A 234 -10.59 -6.63 0.80
C ILE A 234 -10.07 -6.62 -0.63
N VAL A 235 -10.20 -7.75 -1.33
CA VAL A 235 -9.72 -7.81 -2.71
C VAL A 235 -10.55 -6.89 -3.62
N LEU A 236 -11.87 -6.90 -3.46
CA LEU A 236 -12.77 -6.29 -4.43
C LEU A 236 -13.21 -4.86 -4.09
N TYR A 237 -12.69 -4.27 -3.01
CA TYR A 237 -13.11 -2.90 -2.69
C TYR A 237 -12.64 -1.88 -3.72
N LYS A 238 -11.42 -2.02 -4.24
CA LYS A 238 -10.77 -0.96 -5.00
C LYS A 238 -10.83 -1.14 -6.51
N LEU A 239 -11.62 -2.08 -7.00
CA LEU A 239 -11.70 -2.33 -8.45
C LEU A 239 -12.24 -1.11 -9.19
N GLY A 240 -13.28 -0.48 -8.65
CA GLY A 240 -13.91 0.65 -9.30
C GLY A 240 -13.03 1.88 -9.41
N ASP A 241 -12.01 1.97 -8.56
CA ASP A 241 -11.04 3.05 -8.70
C ASP A 241 -9.86 2.65 -9.56
N ALA A 242 -9.41 1.39 -9.46
CA ALA A 242 -8.29 0.96 -10.30
C ALA A 242 -8.63 1.01 -11.78
N PHE A 243 -9.85 0.62 -12.14
CA PHE A 243 -10.21 0.61 -13.56
C PHE A 243 -10.11 1.99 -14.18
N ALA A 244 -10.61 3.01 -13.50
CA ALA A 244 -10.57 4.37 -14.05
C ALA A 244 -9.17 4.96 -13.96
N MET A 245 -8.46 4.71 -12.85
CA MET A 245 -7.12 5.26 -12.69
C MET A 245 -6.13 4.67 -13.68
N SER A 246 -6.40 3.48 -14.21
CA SER A 246 -5.46 2.88 -15.15
C SER A 246 -5.31 3.69 -16.43
N LEU A 247 -6.43 4.21 -16.97
CA LEU A 247 -6.38 4.90 -18.27
C LEU A 247 -6.97 6.30 -18.24
N THR A 248 -7.10 6.93 -17.07
CA THR A 248 -7.57 8.31 -17.06
C THR A 248 -6.67 9.24 -17.87
N THR A 249 -5.35 9.10 -17.75
CA THR A 249 -4.44 9.99 -18.46
C THR A 249 -4.54 9.80 -19.97
N THR A 250 -4.56 8.54 -20.42
CA THR A 250 -4.68 8.27 -21.84
C THR A 250 -6.01 8.79 -22.38
N PHE A 251 -7.10 8.62 -21.62
CA PHE A 251 -8.38 9.15 -22.07
C PHE A 251 -8.33 10.68 -22.19
N LEU A 252 -7.79 11.36 -21.19
CA LEU A 252 -7.69 12.81 -21.26
C LEU A 252 -6.76 13.26 -22.38
N ILE A 253 -5.82 12.41 -22.80
CA ILE A 253 -4.90 12.78 -23.88
C ILE A 253 -5.59 12.63 -25.23
N ARG A 254 -6.23 11.49 -25.47
CA ARG A 254 -6.72 11.16 -26.81
C ARG A 254 -8.21 11.42 -27.00
N GLY A 255 -9.06 10.98 -26.08
CA GLY A 255 -10.50 11.03 -26.29
C GLY A 255 -11.09 12.42 -26.25
N VAL A 256 -10.42 13.37 -25.60
CA VAL A 256 -10.91 14.73 -25.50
C VAL A 256 -10.17 15.70 -26.43
N GLY A 257 -8.86 15.61 -26.50
CA GLY A 257 -8.07 16.48 -27.34
C GLY A 257 -7.18 17.48 -26.60
N PHE A 258 -6.78 17.19 -25.37
CA PHE A 258 -5.94 18.09 -24.60
C PHE A 258 -4.47 17.81 -24.87
N ASP A 259 -3.62 18.75 -24.45
CA ASP A 259 -2.18 18.58 -24.60
C ASP A 259 -1.60 17.87 -23.39
N ALA A 260 -0.37 17.34 -23.56
CA ALA A 260 0.27 16.58 -22.51
C ALA A 260 0.68 17.45 -21.34
N GLY A 261 1.23 18.64 -21.61
CA GLY A 261 1.71 19.48 -20.54
C GLY A 261 0.60 19.97 -19.63
N GLU A 262 -0.52 20.38 -20.21
CA GLU A 262 -1.65 20.84 -19.40
C GLU A 262 -2.18 19.72 -18.51
N VAL A 263 -2.32 18.51 -19.06
CA VAL A 263 -2.79 17.37 -18.27
C VAL A 263 -1.81 17.07 -17.14
N GLY A 264 -0.51 17.07 -17.46
CA GLY A 264 0.48 16.79 -16.44
C GLY A 264 0.47 17.80 -15.30
N VAL A 265 0.41 19.09 -15.63
CA VAL A 265 0.39 20.12 -14.60
C VAL A 265 -0.89 20.02 -13.76
N VAL A 266 -2.03 19.86 -14.44
CA VAL A 266 -3.31 19.80 -13.74
C VAL A 266 -3.32 18.63 -12.76
N ASN A 267 -2.86 17.46 -13.21
CA ASN A 267 -2.76 16.33 -12.28
C ASN A 267 -1.80 16.66 -11.14
N LYS A 268 -0.57 17.06 -11.47
CA LYS A 268 0.47 17.21 -10.47
C LYS A 268 0.15 18.24 -9.40
N THR A 269 -0.79 19.16 -9.66
CA THR A 269 -1.20 20.03 -8.56
C THR A 269 -2.57 19.66 -7.98
N LEU A 270 -3.60 19.56 -8.82
CA LEU A 270 -4.95 19.34 -8.30
C LEU A 270 -5.09 17.98 -7.65
N GLY A 271 -4.50 16.93 -8.22
CA GLY A 271 -4.60 15.63 -7.59
C GLY A 271 -4.01 15.60 -6.21
N LEU A 272 -2.83 16.20 -6.04
CA LEU A 272 -2.22 16.24 -4.71
C LEU A 272 -3.07 17.03 -3.72
N LEU A 273 -3.53 18.22 -4.12
CA LEU A 273 -4.33 19.03 -3.20
C LEU A 273 -5.62 18.31 -2.81
N ALA A 274 -6.31 17.74 -3.81
CA ALA A 274 -7.58 17.06 -3.54
C ALA A 274 -7.37 15.82 -2.69
N THR A 275 -6.33 15.04 -2.97
CA THR A 275 -6.07 13.85 -2.15
C THR A 275 -5.79 14.23 -0.71
N ILE A 276 -4.97 15.26 -0.49
CA ILE A 276 -4.64 15.67 0.87
C ILE A 276 -5.89 16.13 1.61
N VAL A 277 -6.67 17.02 0.99
CA VAL A 277 -7.85 17.54 1.66
C VAL A 277 -8.86 16.43 1.91
N GLY A 278 -9.06 15.54 0.93
CA GLY A 278 -10.01 14.46 1.11
C GLY A 278 -9.61 13.49 2.21
N ALA A 279 -8.34 13.13 2.27
CA ALA A 279 -7.89 12.23 3.34
C ALA A 279 -8.08 12.87 4.71
N LEU A 280 -7.69 14.14 4.85
CA LEU A 280 -7.85 14.79 6.16
C LEU A 280 -9.32 14.92 6.53
N TYR A 281 -10.18 15.26 5.56
CA TYR A 281 -11.60 15.34 5.83
C TYR A 281 -12.18 13.99 6.24
N GLY A 282 -11.76 12.92 5.56
CA GLY A 282 -12.23 11.60 5.93
C GLY A 282 -11.81 11.21 7.33
N GLY A 283 -10.58 11.52 7.71
CA GLY A 283 -10.15 11.25 9.08
C GLY A 283 -10.93 12.04 10.11
N ILE A 284 -11.12 13.33 9.87
CA ILE A 284 -11.84 14.16 10.81
C ILE A 284 -13.27 13.67 10.98
N LEU A 285 -13.94 13.32 9.87
CA LEU A 285 -15.28 12.79 9.97
C LEU A 285 -15.33 11.41 10.62
N MET A 286 -14.31 10.57 10.40
CA MET A 286 -14.28 9.26 11.03
C MET A 286 -14.08 9.35 12.53
N GLN A 287 -13.44 10.43 13.00
CA GLN A 287 -13.19 10.56 14.44
C GLN A 287 -14.48 10.50 15.26
N ARG A 288 -15.62 10.86 14.70
CA ARG A 288 -16.90 10.80 15.40
C ARG A 288 -17.84 9.73 14.88
N LEU A 289 -17.62 9.20 13.69
CA LEU A 289 -18.53 8.24 13.07
C LEU A 289 -17.99 6.83 13.17
N SER A 290 -18.91 5.86 13.21
CA SER A 290 -18.56 4.45 13.33
C SER A 290 -17.95 3.94 12.03
N LEU A 291 -17.38 2.75 12.07
CA LEU A 291 -16.64 2.23 10.92
C LEU A 291 -17.56 1.83 9.78
N PHE A 292 -18.64 1.11 10.08
CA PHE A 292 -19.46 0.55 9.00
C PHE A 292 -20.18 1.62 8.21
N ARG A 293 -20.80 2.59 8.89
CA ARG A 293 -21.52 3.64 8.17
C ARG A 293 -20.57 4.48 7.33
N ALA A 294 -19.39 4.81 7.88
CA ALA A 294 -18.40 5.55 7.11
C ALA A 294 -17.95 4.75 5.90
N LEU A 295 -17.71 3.45 6.07
CA LEU A 295 -17.30 2.62 4.95
C LEU A 295 -18.36 2.59 3.85
N LEU A 296 -19.62 2.43 4.23
CA LEU A 296 -20.69 2.37 3.23
C LEU A 296 -20.84 3.69 2.49
N ILE A 297 -20.90 4.81 3.22
CA ILE A 297 -21.09 6.11 2.58
C ILE A 297 -19.91 6.42 1.68
N PHE A 298 -18.69 6.15 2.15
CA PHE A 298 -17.49 6.42 1.40
C PHE A 298 -17.40 5.57 0.15
N GLY A 299 -17.80 4.30 0.24
CA GLY A 299 -17.81 3.45 -0.94
C GLY A 299 -18.82 3.91 -1.98
N ILE A 300 -20.01 4.31 -1.53
CA ILE A 300 -21.00 4.82 -2.49
C ILE A 300 -20.49 6.08 -3.16
N LEU A 301 -19.88 7.00 -2.39
CA LEU A 301 -19.32 8.21 -2.98
C LEU A 301 -18.20 7.89 -3.95
N GLN A 302 -17.31 6.97 -3.61
CA GLN A 302 -16.22 6.58 -4.51
C GLN A 302 -16.77 5.99 -5.80
N GLY A 303 -17.80 5.15 -5.71
CA GLY A 303 -18.40 4.58 -6.90
C GLY A 303 -19.05 5.63 -7.79
N ALA A 304 -19.76 6.57 -7.19
CA ALA A 304 -20.47 7.60 -7.95
C ALA A 304 -19.57 8.75 -8.37
N SER A 305 -18.31 8.78 -7.92
CA SER A 305 -17.43 9.89 -8.24
C SER A 305 -17.15 10.00 -9.74
N ASN A 306 -16.72 8.90 -10.37
CA ASN A 306 -16.18 8.97 -11.72
C ASN A 306 -17.25 9.03 -12.80
N ALA A 307 -18.48 9.37 -12.44
CA ALA A 307 -19.47 9.75 -13.44
C ALA A 307 -19.16 11.11 -14.05
N GLY A 308 -18.33 11.92 -13.39
CA GLY A 308 -17.86 13.15 -14.00
C GLY A 308 -17.08 12.88 -15.29
N TYR A 309 -16.31 11.80 -15.32
CA TYR A 309 -15.64 11.41 -16.56
C TYR A 309 -16.64 11.05 -17.64
N TRP A 310 -17.70 10.33 -17.28
CA TRP A 310 -18.74 10.02 -18.27
C TRP A 310 -19.39 11.29 -18.80
N LEU A 311 -19.65 12.26 -17.93
CA LEU A 311 -20.17 13.54 -18.38
C LEU A 311 -19.18 14.25 -19.31
N LEU A 312 -17.90 14.20 -18.97
CA LEU A 312 -16.88 14.87 -19.77
C LEU A 312 -16.76 14.25 -21.16
N SER A 313 -16.88 12.93 -21.26
CA SER A 313 -16.62 12.26 -22.54
C SER A 313 -17.58 12.72 -23.62
N ILE A 314 -18.86 12.86 -23.29
CA ILE A 314 -19.85 13.29 -24.29
C ILE A 314 -19.68 14.78 -24.60
N THR A 315 -19.58 15.61 -23.57
CA THR A 315 -19.48 17.04 -23.76
C THR A 315 -18.13 17.42 -24.34
N ASP A 316 -18.10 18.52 -25.10
CA ASP A 316 -16.89 18.95 -25.78
C ASP A 316 -15.82 19.36 -24.77
N LYS A 317 -14.65 19.70 -25.30
CA LYS A 317 -13.49 20.00 -24.47
C LYS A 317 -13.66 21.34 -23.75
N HIS A 318 -13.15 21.40 -22.52
CA HIS A 318 -13.10 22.64 -21.75
C HIS A 318 -12.17 22.43 -20.57
N LEU A 319 -11.49 23.50 -20.16
CA LEU A 319 -10.53 23.41 -19.07
C LEU A 319 -11.22 23.20 -17.72
N TYR A 320 -12.26 23.99 -17.44
CA TYR A 320 -12.87 23.96 -16.12
C TYR A 320 -13.61 22.64 -15.87
N SER A 321 -14.23 22.07 -16.90
CA SER A 321 -14.86 20.76 -16.73
C SER A 321 -13.83 19.70 -16.33
N MET A 322 -12.68 19.69 -17.01
CA MET A 322 -11.61 18.76 -16.64
C MET A 322 -11.15 19.00 -15.21
N GLY A 323 -10.94 20.27 -14.84
CA GLY A 323 -10.47 20.56 -13.50
C GLY A 323 -11.45 20.08 -12.43
N ALA A 324 -12.74 20.38 -12.62
CA ALA A 324 -13.74 19.94 -11.65
C ALA A 324 -13.82 18.43 -11.57
N ALA A 325 -13.79 17.74 -12.72
CA ALA A 325 -13.88 16.28 -12.68
C ALA A 325 -12.68 15.67 -11.98
N VAL A 326 -11.47 16.15 -12.27
CA VAL A 326 -10.28 15.61 -11.62
C VAL A 326 -10.32 15.89 -10.13
N PHE A 327 -10.70 17.10 -9.74
CA PHE A 327 -10.78 17.45 -8.32
C PHE A 327 -11.76 16.55 -7.59
N PHE A 328 -12.95 16.37 -8.15
CA PHE A 328 -13.95 15.52 -7.51
C PHE A 328 -13.47 14.08 -7.39
N GLU A 329 -12.89 13.53 -8.47
CA GLU A 329 -12.45 12.14 -8.42
C GLU A 329 -11.35 11.93 -7.39
N ASN A 330 -10.36 12.83 -7.37
CA ASN A 330 -9.27 12.69 -6.40
C ASN A 330 -9.76 12.88 -4.97
N LEU A 331 -10.69 13.82 -4.74
CA LEU A 331 -11.22 14.01 -3.40
C LEU A 331 -11.96 12.77 -2.92
N CYS A 332 -12.81 12.19 -3.77
CA CYS A 332 -13.52 10.97 -3.38
C CYS A 332 -12.57 9.80 -3.16
N GLY A 333 -11.51 9.68 -3.96
CA GLY A 333 -10.56 8.61 -3.74
C GLY A 333 -9.79 8.74 -2.44
N GLY A 334 -9.23 9.93 -2.17
CA GLY A 334 -8.50 10.13 -0.95
C GLY A 334 -9.42 10.10 0.25
N MET A 335 -10.71 10.34 0.02
CA MET A 335 -11.69 10.25 1.06
C MET A 335 -11.85 8.78 1.49
N GLY A 336 -12.00 7.86 0.54
CA GLY A 336 -12.25 6.47 0.88
C GLY A 336 -10.99 5.68 1.25
N THR A 337 -9.81 6.18 0.84
CA THR A 337 -8.59 5.45 1.16
C THR A 337 -8.36 5.40 2.68
N SER A 338 -8.75 6.45 3.40
CA SER A 338 -8.60 6.44 4.85
C SER A 338 -9.49 5.40 5.50
N ALA A 339 -10.73 5.27 5.01
CA ALA A 339 -11.63 4.25 5.54
C ALA A 339 -11.08 2.86 5.26
N PHE A 340 -10.53 2.65 4.06
CA PHE A 340 -9.95 1.35 3.76
C PHE A 340 -8.76 1.04 4.67
N VAL A 341 -7.91 2.02 4.93
CA VAL A 341 -6.78 1.81 5.82
C VAL A 341 -7.27 1.49 7.24
N ALA A 342 -8.34 2.17 7.68
CA ALA A 342 -8.90 1.87 9.00
C ALA A 342 -9.43 0.45 9.06
N LEU A 343 -10.12 0.00 8.01
CA LEU A 343 -10.63 -1.36 7.99
C LEU A 343 -9.49 -2.39 8.01
N LEU A 344 -8.41 -2.12 7.25
CA LEU A 344 -7.26 -3.01 7.31
C LEU A 344 -6.64 -3.03 8.69
N MET A 345 -6.60 -1.88 9.36
CA MET A 345 -5.95 -1.79 10.67
C MET A 345 -6.76 -2.49 11.75
N THR A 346 -8.09 -2.45 11.65
CA THR A 346 -8.92 -3.03 12.71
C THR A 346 -8.76 -4.54 12.80
N LEU A 347 -8.69 -5.22 11.66
CA LEU A 347 -8.80 -6.69 11.65
C LEU A 347 -7.63 -7.36 12.37
N CYS A 348 -6.41 -6.88 12.17
CA CYS A 348 -5.25 -7.53 12.76
C CYS A 348 -5.26 -7.38 14.28
N ASN A 349 -4.85 -8.43 14.97
CA ASN A 349 -4.72 -8.36 16.42
C ASN A 349 -3.37 -7.78 16.81
N LYS A 350 -3.23 -7.44 18.10
CA LYS A 350 -2.09 -6.65 18.54
C LYS A 350 -0.79 -7.45 18.51
N SER A 351 -0.84 -8.75 18.79
CA SER A 351 0.39 -9.51 19.02
C SER A 351 1.17 -9.73 17.74
N PHE A 352 0.49 -10.10 16.66
CA PHE A 352 1.14 -10.45 15.40
C PHE A 352 0.88 -9.42 14.32
N SER A 353 1.01 -8.13 14.65
CA SER A 353 0.38 -7.07 13.87
C SER A 353 0.93 -6.98 12.44
N ALA A 354 2.25 -6.84 12.28
CA ALA A 354 2.75 -6.40 10.97
C ALA A 354 2.71 -7.52 9.93
N THR A 355 2.88 -8.78 10.34
CA THR A 355 2.74 -9.84 9.34
C THR A 355 1.33 -9.87 8.75
N GLN A 356 0.32 -9.81 9.62
CA GLN A 356 -1.07 -9.76 9.20
C GLN A 356 -1.43 -8.45 8.53
N PHE A 357 -0.64 -7.39 8.71
CA PHE A 357 -0.85 -6.16 7.97
C PHE A 357 -0.24 -6.23 6.59
N ALA A 358 0.99 -6.76 6.48
CA ALA A 358 1.67 -6.83 5.20
C ALA A 358 0.97 -7.79 4.24
N LEU A 359 0.57 -8.96 4.74
CA LEU A 359 -0.13 -9.90 3.85
C LEU A 359 -1.44 -9.31 3.34
N LEU A 360 -2.19 -8.65 4.23
CA LEU A 360 -3.44 -8.02 3.81
C LEU A 360 -3.20 -6.89 2.81
N SER A 361 -2.14 -6.09 3.04
CA SER A 361 -1.83 -5.01 2.11
C SER A 361 -1.48 -5.55 0.73
N ALA A 362 -0.67 -6.61 0.68
CA ALA A 362 -0.33 -7.21 -0.61
C ALA A 362 -1.56 -7.80 -1.30
N LEU A 363 -2.44 -8.45 -0.53
CA LEU A 363 -3.67 -8.97 -1.12
C LEU A 363 -4.55 -7.84 -1.62
N SER A 364 -4.46 -6.66 -1.00
CA SER A 364 -5.21 -5.51 -1.50
C SER A 364 -4.73 -5.07 -2.87
N ALA A 365 -3.41 -5.09 -3.08
CA ALA A 365 -2.83 -4.60 -4.33
C ALA A 365 -2.74 -5.67 -5.41
N VAL A 366 -3.02 -6.94 -5.09
CA VAL A 366 -3.01 -7.96 -6.13
C VAL A 366 -4.08 -7.70 -7.19
N GLY A 367 -5.02 -6.80 -6.92
CA GLY A 367 -6.08 -6.55 -7.88
C GLY A 367 -5.63 -5.77 -9.11
N ARG A 368 -4.62 -4.92 -8.93
CA ARG A 368 -4.22 -4.02 -10.03
C ARG A 368 -3.46 -4.77 -11.12
N VAL A 369 -2.92 -5.94 -10.81
CA VAL A 369 -2.11 -6.67 -11.78
C VAL A 369 -2.95 -7.12 -12.96
N TYR A 370 -4.16 -7.62 -12.70
CA TYR A 370 -4.95 -8.25 -13.75
C TYR A 370 -5.76 -7.24 -14.55
N VAL A 371 -6.17 -6.13 -13.91
CA VAL A 371 -7.14 -5.24 -14.54
C VAL A 371 -6.54 -4.52 -15.74
N GLY A 372 -5.21 -4.40 -15.77
CA GLY A 372 -4.53 -3.66 -16.82
C GLY A 372 -4.85 -4.10 -18.23
N PRO A 373 -4.47 -5.31 -18.65
CA PRO A 373 -4.77 -5.74 -20.02
C PRO A 373 -6.25 -5.75 -20.36
N VAL A 374 -7.11 -6.07 -19.39
CA VAL A 374 -8.54 -6.10 -19.64
C VAL A 374 -9.05 -4.70 -19.95
N ALA A 375 -8.52 -3.70 -19.27
CA ALA A 375 -8.89 -2.31 -19.54
C ALA A 375 -8.55 -1.95 -20.98
N GLY A 376 -7.45 -2.49 -21.49
CA GLY A 376 -7.08 -2.27 -22.87
C GLY A 376 -8.05 -2.91 -23.85
N TRP A 377 -8.48 -4.14 -23.55
CA TRP A 377 -9.39 -4.83 -24.47
C TRP A 377 -10.77 -4.19 -24.50
N PHE A 378 -11.24 -3.70 -23.35
CA PHE A 378 -12.61 -3.18 -23.29
C PHE A 378 -12.78 -1.93 -24.16
N VAL A 379 -11.72 -1.13 -24.28
CA VAL A 379 -11.81 0.13 -25.02
C VAL A 379 -12.11 -0.12 -26.48
N GLU A 380 -11.34 -1.00 -27.12
CA GLU A 380 -11.57 -1.29 -28.53
C GLU A 380 -12.90 -2.00 -28.74
N ALA A 381 -13.40 -2.66 -27.69
CA ALA A 381 -14.67 -3.36 -27.80
C ALA A 381 -15.84 -2.40 -27.80
N HIS A 382 -15.81 -1.38 -26.94
CA HIS A 382 -17.00 -0.55 -26.73
C HIS A 382 -16.72 0.95 -26.61
N GLY A 383 -15.70 1.48 -27.29
CA GLY A 383 -15.49 2.91 -27.30
C GLY A 383 -14.94 3.43 -25.98
N TRP A 384 -14.66 4.73 -25.95
CA TRP A 384 -14.16 5.34 -24.72
C TRP A 384 -15.28 5.53 -23.70
N SER A 385 -16.45 5.98 -24.14
CA SER A 385 -17.48 6.40 -23.20
C SER A 385 -18.02 5.24 -22.37
N THR A 386 -18.33 4.11 -23.02
CA THR A 386 -18.94 2.99 -22.31
C THR A 386 -17.99 2.42 -21.26
N PHE A 387 -16.68 2.60 -21.46
CA PHE A 387 -15.71 2.14 -20.47
C PHE A 387 -15.99 2.75 -19.10
N TYR A 388 -16.36 4.03 -19.07
CA TYR A 388 -16.54 4.70 -17.79
C TYR A 388 -17.87 4.33 -17.14
N LEU A 389 -18.88 4.03 -17.93
CA LEU A 389 -20.11 3.46 -17.36
C LEU A 389 -19.80 2.10 -16.75
N PHE A 390 -18.95 1.31 -17.39
CA PHE A 390 -18.54 0.04 -16.81
C PHE A 390 -17.78 0.27 -15.51
N SER A 391 -16.95 1.31 -15.49
CA SER A 391 -16.25 1.68 -14.26
C SER A 391 -17.22 2.02 -13.15
N VAL A 392 -18.29 2.76 -13.46
CA VAL A 392 -19.31 3.08 -12.46
C VAL A 392 -19.96 1.80 -11.95
N ALA A 393 -20.35 0.91 -12.87
CA ALA A 393 -21.08 -0.29 -12.48
C ALA A 393 -20.20 -1.38 -11.88
N ALA A 394 -18.89 -1.23 -11.92
CA ALA A 394 -18.00 -2.25 -11.39
C ALA A 394 -17.76 -2.15 -9.89
N ALA A 395 -18.32 -1.13 -9.23
CA ALA A 395 -18.17 -0.99 -7.79
C ALA A 395 -19.30 -1.64 -6.99
N VAL A 396 -20.26 -2.27 -7.66
CA VAL A 396 -21.39 -2.93 -7.01
C VAL A 396 -20.93 -4.08 -6.13
N PRO A 397 -20.05 -4.98 -6.57
CA PRO A 397 -19.67 -6.11 -5.69
C PRO A 397 -19.08 -5.70 -4.36
N GLY A 398 -18.28 -4.64 -4.32
CA GLY A 398 -17.73 -4.19 -3.05
C GLY A 398 -18.80 -3.74 -2.08
N LEU A 399 -19.75 -2.94 -2.56
CA LEU A 399 -20.85 -2.49 -1.71
C LEU A 399 -21.72 -3.65 -1.26
N ILE A 400 -22.00 -4.61 -2.14
CA ILE A 400 -22.82 -5.75 -1.76
C ILE A 400 -22.12 -6.59 -0.69
N LEU A 401 -20.83 -6.84 -0.87
CA LEU A 401 -20.09 -7.59 0.14
C LEU A 401 -20.03 -6.84 1.47
N LEU A 402 -19.87 -5.52 1.44
CA LEU A 402 -19.88 -4.75 2.68
C LEU A 402 -21.24 -4.83 3.36
N LEU A 403 -22.33 -4.80 2.57
CA LEU A 403 -23.65 -4.94 3.15
C LEU A 403 -23.85 -6.31 3.79
N VAL A 404 -23.33 -7.37 3.17
CA VAL A 404 -23.50 -8.71 3.72
C VAL A 404 -22.70 -8.86 5.02
N CYS A 405 -21.52 -8.26 5.10
CA CYS A 405 -20.59 -8.46 6.22
C CYS A 405 -20.76 -7.41 7.31
N ARG A 406 -21.98 -6.92 7.53
CA ARG A 406 -22.19 -5.89 8.54
C ARG A 406 -22.11 -6.45 9.96
N GLN A 407 -22.52 -7.70 10.15
CA GLN A 407 -22.66 -8.24 11.50
C GLN A 407 -21.32 -8.29 12.23
N THR A 408 -20.29 -8.82 11.59
CA THR A 408 -18.99 -8.94 12.25
C THR A 408 -18.39 -7.57 12.56
N LEU A 409 -18.50 -6.62 11.62
CA LEU A 409 -17.95 -5.30 11.85
C LEU A 409 -18.71 -4.54 12.94
N GLU A 410 -20.01 -4.81 13.09
CA GLU A 410 -20.75 -4.19 14.18
C GLU A 410 -20.46 -4.85 15.53
N TYR A 411 -20.19 -6.16 15.53
CA TYR A 411 -19.88 -6.84 16.77
C TYR A 411 -18.47 -6.53 17.29
N THR A 412 -17.50 -6.39 16.38
CA THR A 412 -16.12 -6.14 16.79
C THR A 412 -16.00 -4.81 17.53
N ARG A 413 -16.69 -3.78 17.04
CA ARG A 413 -16.61 -2.46 17.68
C ARG A 413 -17.07 -2.52 19.14
N VAL A 414 -18.09 -3.30 19.44
CA VAL A 414 -18.66 -3.33 20.79
C VAL A 414 -18.02 -4.40 21.68
N ASN A 415 -17.36 -5.41 21.12
CA ASN A 415 -16.77 -6.47 21.94
C ASN A 415 -15.26 -6.55 21.87
N ASP A 416 -14.62 -5.92 20.88
CA ASP A 416 -13.17 -5.84 20.75
C ASP A 416 -12.52 -7.22 20.58
N ASN A 417 -13.24 -8.20 20.05
CA ASN A 417 -12.68 -9.51 19.76
C ASN A 417 -13.55 -10.20 18.73
N PHE A 418 -12.98 -11.23 18.10
CA PHE A 418 -13.66 -11.99 17.05
C PHE A 418 -14.04 -13.36 17.56
N ILE A 419 -15.21 -13.82 17.16
CA ILE A 419 -15.75 -15.10 17.60
C ILE A 419 -15.15 -16.22 16.77
N SER A 420 -14.73 -17.29 17.44
CA SER A 420 -14.11 -18.42 16.76
C SER A 420 -15.13 -19.18 15.91
N ARG A 421 -14.62 -19.90 14.92
CA ARG A 421 -15.46 -20.60 13.96
C ARG A 421 -15.80 -21.99 14.47
N THR A 422 -17.09 -22.31 14.51
CA THR A 422 -17.56 -23.64 14.88
C THR A 422 -18.64 -24.19 13.98
N ALA A 423 -19.18 -23.39 13.05
CA ALA A 423 -20.24 -23.86 12.17
C ALA A 423 -19.65 -24.45 10.89
N TYR A 424 -20.23 -25.57 10.44
CA TYR A 424 -19.82 -26.30 9.25
C TYR A 424 -18.33 -26.62 9.28
N PRO A 425 -17.87 -27.41 10.25
CA PRO A 425 -16.43 -27.67 10.36
C PRO A 425 -15.91 -28.71 9.39
N ALA A 426 -16.77 -29.30 8.56
CA ALA A 426 -16.32 -30.39 7.70
C ALA A 426 -15.72 -29.87 6.40
N GLY A 427 -16.25 -28.78 5.86
CA GLY A 427 -15.86 -28.30 4.55
C GLY A 427 -14.80 -27.24 4.48
N TYR A 428 -14.39 -26.66 5.62
CA TYR A 428 -13.37 -25.62 5.58
C TYR A 428 -11.98 -26.20 5.33
N ALA A 429 -11.74 -27.44 5.77
CA ALA A 429 -10.44 -28.06 5.58
C ALA A 429 -10.12 -28.26 4.10
N PHE A 430 -11.11 -28.66 3.30
CA PHE A 430 -10.88 -28.82 1.87
C PHE A 430 -10.47 -27.50 1.21
N ALA A 431 -11.18 -26.41 1.54
CA ALA A 431 -10.84 -25.12 0.97
C ALA A 431 -9.46 -24.67 1.40
N MET A 432 -9.13 -24.84 2.68
CA MET A 432 -7.80 -24.44 3.16
C MET A 432 -6.70 -25.25 2.45
N TRP A 433 -6.93 -26.56 2.28
CA TRP A 433 -5.92 -27.39 1.62
C TRP A 433 -5.76 -26.99 0.15
N THR A 434 -6.86 -26.70 -0.54
CA THR A 434 -6.75 -26.26 -1.94
C THR A 434 -6.02 -24.93 -2.05
N LEU A 435 -6.31 -23.99 -1.14
CA LEU A 435 -5.61 -22.71 -1.16
C LEU A 435 -4.12 -22.91 -0.91
N ALA A 436 -3.77 -23.79 0.03
CA ALA A 436 -2.35 -24.07 0.28
C ALA A 436 -1.69 -24.68 -0.95
N ALA A 437 -2.37 -25.60 -1.62
CA ALA A 437 -1.81 -26.20 -2.83
C ALA A 437 -1.58 -25.15 -3.92
N GLY A 438 -2.55 -24.24 -4.09
CA GLY A 438 -2.39 -23.19 -5.09
C GLY A 438 -1.23 -22.27 -4.78
N VAL A 439 -1.09 -21.88 -3.51
CA VAL A 439 0.03 -21.02 -3.15
C VAL A 439 1.35 -21.76 -3.32
N SER A 440 1.38 -23.07 -3.06
CA SER A 440 2.58 -23.86 -3.32
C SER A 440 2.90 -23.87 -4.81
N LEU A 441 1.88 -23.98 -5.67
CA LEU A 441 2.11 -23.95 -7.11
C LEU A 441 2.68 -22.61 -7.55
N LEU A 442 2.15 -21.52 -7.02
CA LEU A 442 2.71 -20.21 -7.34
C LEU A 442 4.14 -20.06 -6.84
N ALA A 443 4.45 -20.65 -5.68
CA ALA A 443 5.84 -20.64 -5.20
C ALA A 443 6.75 -21.40 -6.16
N VAL A 444 6.28 -22.54 -6.67
CA VAL A 444 7.06 -23.29 -7.65
C VAL A 444 7.26 -22.45 -8.91
N TRP A 445 6.23 -21.72 -9.33
CA TRP A 445 6.37 -20.84 -10.49
C TRP A 445 7.40 -19.75 -10.26
N LEU A 446 7.41 -19.17 -9.05
CA LEU A 446 8.40 -18.15 -8.73
C LEU A 446 9.81 -18.72 -8.73
N LEU A 447 9.96 -19.94 -8.20
CA LEU A 447 11.27 -20.60 -8.26
C LEU A 447 11.70 -20.84 -9.69
N LEU A 448 10.78 -21.26 -10.55
CA LEU A 448 11.12 -21.46 -11.96
C LEU A 448 11.53 -20.14 -12.62
N LEU A 449 10.82 -19.06 -12.30
CA LEU A 449 11.14 -17.77 -12.89
C LEU A 449 12.51 -17.28 -12.44
N THR A 450 12.83 -17.43 -11.16
CA THR A 450 14.14 -17.01 -10.68
C THR A 450 15.26 -17.94 -11.14
N MET A 451 14.93 -19.18 -11.50
CA MET A 451 15.91 -20.06 -12.12
C MET A 451 16.15 -19.68 -13.57
N ASP A 452 15.11 -19.26 -14.28
CA ASP A 452 15.26 -18.84 -15.68
C ASP A 452 15.98 -17.50 -15.78
N ALA A 453 15.65 -16.56 -14.90
CA ALA A 453 16.25 -15.24 -14.93
C ALA A 453 17.73 -15.24 -14.56
N LEU A 454 18.23 -16.31 -13.98
CA LEU A 454 19.65 -16.46 -13.69
C LEU A 454 20.44 -16.99 -14.87
N ASP A 455 19.76 -17.26 -15.99
CA ASP A 455 20.37 -17.75 -17.23
C ASP A 455 21.07 -19.10 -17.04
N LEU A 456 20.74 -19.82 -15.97
CA LEU A 456 21.26 -21.17 -15.80
C LEU A 456 20.54 -22.15 -16.72
N THR A 457 19.24 -21.98 -16.89
CA THR A 457 18.45 -22.83 -17.79
C THR A 457 17.17 -22.08 -18.14
N HIS A 458 16.44 -22.62 -19.12
CA HIS A 458 15.21 -22.03 -19.59
C HIS A 458 14.08 -23.05 -19.52
N PHE A 459 12.86 -22.56 -19.30
CA PHE A 459 11.67 -23.39 -19.19
C PHE A 459 10.60 -22.88 -20.14
N SER A 460 9.86 -23.81 -20.74
CA SER A 460 8.77 -23.50 -21.64
C SER A 460 7.40 -23.59 -20.95
N PHE A 461 7.39 -23.76 -19.63
CA PHE A 461 6.16 -23.95 -18.86
C PHE A 461 5.87 -22.76 -17.96
N LEU A 462 6.17 -21.54 -18.42
CA LEU A 462 6.11 -20.37 -17.56
C LEU A 462 4.68 -19.85 -17.34
N PRO A 463 3.89 -19.54 -18.39
CA PRO A 463 2.61 -18.87 -18.13
C PRO A 463 1.50 -19.82 -17.72
N ALA A 464 1.56 -21.07 -18.20
CA ALA A 464 0.51 -22.03 -17.90
C ALA A 464 0.46 -22.37 -16.42
N LEU A 465 1.63 -22.52 -15.78
CA LEU A 465 1.65 -22.81 -14.34
C LEU A 465 1.03 -21.68 -13.54
N LEU A 466 1.37 -20.43 -13.89
CA LEU A 466 0.79 -19.29 -13.19
C LEU A 466 -0.72 -19.23 -13.39
N GLU A 467 -1.18 -19.47 -14.62
CA GLU A 467 -2.63 -19.46 -14.87
C GLU A 467 -3.33 -20.55 -14.06
N VAL A 468 -2.76 -21.76 -14.04
CA VAL A 468 -3.37 -22.85 -13.29
C VAL A 468 -3.40 -22.52 -11.81
N GLY A 469 -2.32 -21.97 -11.28
CA GLY A 469 -2.27 -21.63 -9.87
C GLY A 469 -3.28 -20.57 -9.48
N VAL A 470 -3.38 -19.50 -10.30
CA VAL A 470 -4.34 -18.45 -9.97
C VAL A 470 -5.77 -18.98 -10.10
N LEU A 471 -6.02 -19.87 -11.06
CA LEU A 471 -7.35 -20.46 -11.17
C LEU A 471 -7.68 -21.30 -9.94
N VAL A 472 -6.72 -22.09 -9.46
CA VAL A 472 -6.94 -22.90 -8.27
C VAL A 472 -7.19 -22.02 -7.05
N ALA A 473 -6.41 -20.95 -6.91
CA ALA A 473 -6.61 -20.03 -5.79
C ALA A 473 -7.98 -19.37 -5.84
N LEU A 474 -8.40 -18.94 -7.01
CA LEU A 474 -9.73 -18.33 -7.13
C LEU A 474 -10.82 -19.34 -6.79
N SER A 475 -10.68 -20.59 -7.25
CA SER A 475 -11.67 -21.60 -6.92
C SER A 475 -11.73 -21.86 -5.43
N GLY A 476 -10.57 -21.93 -4.77
CA GLY A 476 -10.56 -22.13 -3.33
C GLY A 476 -11.22 -21.00 -2.58
N VAL A 477 -10.91 -19.76 -2.95
CA VAL A 477 -11.51 -18.62 -2.26
C VAL A 477 -13.01 -18.58 -2.51
N VAL A 478 -13.45 -18.94 -3.71
CA VAL A 478 -14.89 -18.98 -4.00
C VAL A 478 -15.58 -20.03 -3.14
N LEU A 479 -14.97 -21.21 -2.99
CA LEU A 479 -15.55 -22.25 -2.14
C LEU A 479 -15.63 -21.77 -0.70
N GLY A 480 -14.56 -21.15 -0.20
CA GLY A 480 -14.59 -20.64 1.17
C GLY A 480 -15.68 -19.59 1.36
N GLY A 481 -15.83 -18.68 0.41
CA GLY A 481 -16.88 -17.68 0.52
C GLY A 481 -18.26 -18.28 0.51
N LEU A 482 -18.50 -19.25 -0.37
CA LEU A 482 -19.81 -19.89 -0.42
C LEU A 482 -20.13 -20.61 0.88
N LEU A 483 -19.15 -21.33 1.43
CA LEU A 483 -19.37 -22.03 2.69
C LEU A 483 -19.64 -21.04 3.83
N ASP A 484 -18.90 -19.93 3.86
CA ASP A 484 -19.14 -18.94 4.89
C ASP A 484 -20.53 -18.34 4.78
N TYR A 485 -20.99 -18.07 3.55
CA TYR A 485 -22.33 -17.53 3.38
C TYR A 485 -23.39 -18.54 3.81
N LEU A 486 -23.19 -19.82 3.50
CA LEU A 486 -24.13 -20.85 3.96
C LEU A 486 -24.17 -20.89 5.48
N ALA A 487 -23.01 -20.84 6.13
CA ALA A 487 -22.97 -20.86 7.58
C ALA A 487 -23.67 -19.65 8.18
N LEU A 488 -23.46 -18.47 7.59
CA LEU A 488 -24.13 -17.26 8.08
C LEU A 488 -25.64 -17.34 7.91
N ARG A 489 -26.10 -17.89 6.78
CA ARG A 489 -27.54 -18.04 6.59
C ARG A 489 -28.14 -19.01 7.59
N LYS A 490 -27.47 -20.14 7.83
CA LYS A 490 -27.97 -21.11 8.80
C LYS A 490 -27.32 -20.90 10.17
#